data_6SD7
#
_entry.id   6SD7
#
_cell.length_a   42.274
_cell.length_b   41.376
_cell.length_c   72.249
_cell.angle_alpha   90.000
_cell.angle_beta   104.730
_cell.angle_gamma   90.000
#
_symmetry.space_group_name_H-M   'P 1 21 1'
#
loop_
_entity.id
_entity.type
_entity.pdbx_description
1 polymer 'Carbonic anhydrase 2'
2 non-polymer 'ZINC ION'
3 non-polymer 'MERCURY (II) ION'
4 non-polymer (4-CARBOXYPHENYL)(CHLORO)MERCURY
5 non-polymer 2,3,4,5,6-pentafluorobenzenesulfonamide
6 non-polymer 2,3,4,5,6-pentafluoro-N-(2,3,5,6-tetrafluoro-4-sulfamoylphenyl)benzenesulfonamide
7 non-polymer beta-D-glucopyranose
8 water water
#
_entity_poly.entity_id   1
_entity_poly.type   'polypeptide(L)'
_entity_poly.pdbx_seq_one_letter_code
;GSPEFMSHHWGYGKHNGPEHWHKDFPIAKGERQSPVDIDTHTAKYDPSLKPLSVSYDQATSLRILNNGHAFNVEFDDSQD
KAVLKGGPLDGTYRLIQFHFHWGSLDGQGSEHTVDKKKYAAELHLVHWNTKYGDFGKAVQQPDGLAVLGIFLKVGSAKPG
LQKVVDVLDSIKTKGKSADFTNFDPRGLLPESLDYWTYPGSLTTPPLLECVTWIVLKEPISVSSEQVLKFRKLNFNGEGE
PEELMVDNWRPAQPLKNRQIKASFK
;
_entity_poly.pdbx_strand_id   A
#
loop_
_chem_comp.id
_chem_comp.type
_chem_comp.name
_chem_comp.formula
BE7 non-polymer (4-CARBOXYPHENYL)(CHLORO)MERCURY 'C7 H5 Cl Hg O2'
BGC D-saccharide, beta linking beta-D-glucopyranose 'C6 H12 O6'
HG non-polymer 'MERCURY (II) ION' 'Hg 2'
L7T non-polymer 2,3,4,5,6-pentafluorobenzenesulfonamide 'C6 H2 F5 N O2 S'
SXG non-polymer 2,3,4,5,6-pentafluoro-N-(2,3,5,6-tetrafluoro-4-sulfamoylphenyl)benzenesulfonamide 'C12 H3 F9 N2 O4 S2'
ZN non-polymer 'ZINC ION' 'Zn 2'
#
# COMPACT_ATOMS: atom_id res chain seq x y z
N HIS A 9 -18.04 -2.95 9.43
CA HIS A 9 -19.17 -2.91 8.51
C HIS A 9 -18.93 -2.01 7.30
N TRP A 10 -17.75 -1.43 7.23
CA TRP A 10 -17.36 -0.66 6.06
C TRP A 10 -16.93 -1.59 4.94
N GLY A 11 -16.98 -1.08 3.73
CA GLY A 11 -16.53 -1.84 2.58
C GLY A 11 -16.27 -0.92 1.41
N TYR A 12 -16.51 -1.44 0.21
CA TYR A 12 -16.24 -0.72 -1.03
C TYR A 12 -17.46 -0.61 -1.93
N GLY A 13 -18.62 -1.09 -1.49
CA GLY A 13 -19.81 -1.04 -2.31
C GLY A 13 -20.51 0.30 -2.21
N LYS A 14 -21.62 0.39 -2.94
CA LYS A 14 -22.39 1.64 -3.00
C LYS A 14 -22.92 2.03 -1.63
N HIS A 15 -23.17 1.07 -0.77
CA HIS A 15 -23.86 1.33 0.49
C HIS A 15 -22.94 1.42 1.69
N ASN A 16 -21.66 1.12 1.53
CA ASN A 16 -20.74 1.22 2.67
C ASN A 16 -19.34 1.59 2.22
N GLY A 17 -19.19 2.19 1.04
CA GLY A 17 -17.89 2.46 0.48
C GLY A 17 -17.32 3.79 0.93
N PRO A 18 -16.24 4.20 0.27
CA PRO A 18 -15.50 5.39 0.69
C PRO A 18 -16.31 6.62 1.01
N GLU A 19 -17.41 6.88 0.29
CA GLU A 19 -18.19 8.09 0.56
C GLU A 19 -19.03 7.98 1.83
N HIS A 20 -19.12 6.79 2.42
CA HIS A 20 -19.85 6.59 3.66
C HIS A 20 -18.95 6.53 4.90
N TRP A 21 -17.65 6.33 4.72
CA TRP A 21 -16.79 5.99 5.85
C TRP A 21 -16.78 7.09 6.91
N HIS A 22 -16.89 8.36 6.50
CA HIS A 22 -16.79 9.46 7.45
C HIS A 22 -17.83 9.36 8.57
N LYS A 23 -18.95 8.67 8.33
CA LYS A 23 -19.99 8.58 9.35
C LYS A 23 -19.54 7.81 10.59
N ASP A 24 -18.63 6.86 10.43
CA ASP A 24 -18.06 6.12 11.55
C ASP A 24 -16.61 6.44 11.82
N PHE A 25 -15.93 7.08 10.87
CA PHE A 25 -14.51 7.40 10.97
C PHE A 25 -14.37 8.85 10.52
N PRO A 26 -14.69 9.81 11.39
N PRO A 26 -14.70 9.81 11.38
CA PRO A 26 -14.75 11.21 10.94
CA PRO A 26 -14.73 11.22 10.96
C PRO A 26 -13.43 11.77 10.43
C PRO A 26 -13.40 11.74 10.45
N ILE A 27 -12.29 11.17 10.80
N ILE A 27 -12.28 11.11 10.81
CA ILE A 27 -11.00 11.57 10.26
CA ILE A 27 -10.98 11.51 10.28
C ILE A 27 -10.92 11.36 8.76
C ILE A 27 -10.90 11.33 8.76
N ALA A 28 -11.90 10.66 8.16
CA ALA A 28 -11.96 10.54 6.71
C ALA A 28 -11.90 11.88 6.02
N LYS A 29 -12.36 12.96 6.70
CA LYS A 29 -12.31 14.31 6.16
C LYS A 29 -11.16 15.13 6.74
N GLY A 30 -10.11 14.46 7.22
CA GLY A 30 -9.01 15.10 7.92
C GLY A 30 -8.04 15.79 7.00
N GLU A 31 -6.96 16.27 7.61
CA GLU A 31 -6.00 17.12 6.93
C GLU A 31 -4.85 16.37 6.28
N ARG A 32 -4.69 15.07 6.52
N ARG A 32 -4.80 15.05 6.45
N ARG A 32 -4.67 15.08 6.52
CA ARG A 32 -3.60 14.33 5.87
CA ARG A 32 -3.65 14.26 6.05
CA ARG A 32 -3.61 14.36 5.82
C ARG A 32 -4.07 12.93 5.47
C ARG A 32 -4.10 12.90 5.52
C ARG A 32 -4.09 12.95 5.47
N GLN A 33 -5.15 12.89 4.70
CA GLN A 33 -5.72 11.65 4.24
C GLN A 33 -5.04 11.14 2.97
N SER A 34 -5.09 9.83 2.80
CA SER A 34 -4.52 9.12 1.67
C SER A 34 -5.59 8.25 1.03
N PRO A 35 -5.43 7.90 -0.25
CA PRO A 35 -4.33 8.29 -1.14
C PRO A 35 -4.54 9.69 -1.68
N VAL A 36 -3.59 10.14 -2.50
CA VAL A 36 -3.64 11.42 -3.18
C VAL A 36 -3.23 11.19 -4.63
N ASP A 37 -3.59 12.17 -5.47
CA ASP A 37 -2.99 12.27 -6.79
C ASP A 37 -1.60 12.87 -6.65
N ILE A 38 -0.64 12.24 -7.33
CA ILE A 38 0.74 12.69 -7.37
C ILE A 38 0.88 13.49 -8.66
N ASP A 39 0.90 14.81 -8.51
N ASP A 39 0.90 14.81 -8.54
CA ASP A 39 1.20 15.73 -9.61
CA ASP A 39 1.10 15.67 -9.70
C ASP A 39 2.71 15.73 -9.79
C ASP A 39 2.61 15.84 -9.86
N THR A 40 3.17 15.10 -10.87
N THR A 40 3.17 15.14 -10.84
CA THR A 40 4.60 14.87 -11.04
CA THR A 40 4.62 15.08 -10.98
C THR A 40 5.36 16.14 -11.32
C THR A 40 5.22 16.45 -11.26
N HIS A 41 4.69 17.15 -11.87
N HIS A 41 4.43 17.39 -11.79
CA HIS A 41 5.36 18.41 -12.17
CA HIS A 41 4.90 18.73 -12.06
C HIS A 41 5.47 19.30 -10.95
C HIS A 41 4.81 19.65 -10.84
N THR A 42 4.51 19.23 -10.03
N THR A 42 4.37 19.12 -9.70
CA THR A 42 4.58 20.01 -8.79
CA THR A 42 4.31 19.86 -8.46
C THR A 42 5.48 19.34 -7.76
C THR A 42 5.20 19.24 -7.39
N ALA A 43 5.59 18.02 -7.78
N ALA A 43 5.69 18.02 -7.59
CA ALA A 43 6.52 17.34 -6.88
CA ALA A 43 6.56 17.37 -6.61
C ALA A 43 7.90 17.97 -7.05
C ALA A 43 7.99 17.83 -6.85
N LYS A 44 8.66 18.02 -5.97
N LYS A 44 8.69 18.16 -5.77
CA LYS A 44 9.96 18.67 -6.00
CA LYS A 44 10.01 18.76 -5.82
C LYS A 44 11.03 17.71 -5.53
C LYS A 44 11.06 17.76 -5.37
N TYR A 45 12.15 17.68 -6.27
N TYR A 45 12.14 17.62 -6.16
CA TYR A 45 13.31 16.93 -5.83
CA TYR A 45 13.29 16.85 -5.70
C TYR A 45 13.78 17.43 -4.48
C TYR A 45 13.77 17.41 -4.37
N ASP A 46 14.12 16.51 -3.59
N ASP A 46 14.04 16.51 -3.42
CA ASP A 46 14.70 16.86 -2.29
CA ASP A 46 14.36 16.91 -2.05
C ASP A 46 16.08 16.24 -2.21
C ASP A 46 15.74 16.43 -1.65
N PRO A 47 17.15 17.02 -2.38
N PRO A 47 16.73 17.32 -1.51
CA PRO A 47 18.50 16.48 -2.19
CA PRO A 47 18.09 16.87 -1.14
C PRO A 47 18.80 16.08 -0.75
C PRO A 47 18.22 16.39 0.29
N SER A 48 17.95 16.45 0.21
N SER A 48 17.25 16.70 1.17
CA SER A 48 18.17 16.10 1.60
CA SER A 48 17.27 16.22 2.54
C SER A 48 17.78 14.66 1.91
C SER A 48 17.02 14.73 2.65
N LEU A 49 16.93 14.04 1.10
N LEU A 49 16.54 14.09 1.59
CA LEU A 49 16.47 12.69 1.37
CA LEU A 49 16.27 12.66 1.62
C LEU A 49 17.66 11.76 1.43
C LEU A 49 17.58 11.89 1.56
N LYS A 50 17.73 10.93 2.47
CA LYS A 50 18.85 10.01 2.54
C LYS A 50 18.59 8.84 1.61
N PRO A 51 19.61 8.06 1.27
CA PRO A 51 19.35 6.88 0.43
C PRO A 51 18.32 5.97 1.10
N LEU A 52 17.40 5.45 0.30
CA LEU A 52 16.39 4.51 0.79
C LEU A 52 16.97 3.09 0.83
N SER A 53 16.69 2.38 1.91
CA SER A 53 17.22 1.04 2.17
C SER A 53 16.06 0.10 2.40
N VAL A 54 15.82 -0.79 1.45
CA VAL A 54 14.88 -1.88 1.59
C VAL A 54 15.71 -3.11 1.91
N SER A 55 15.61 -3.64 3.12
N SER A 55 15.60 -3.64 3.13
CA SER A 55 16.45 -4.76 3.57
CA SER A 55 16.43 -4.74 3.59
C SER A 55 15.54 -5.92 3.95
C SER A 55 15.52 -5.91 3.95
N TYR A 56 15.19 -6.74 2.96
CA TYR A 56 14.24 -7.82 3.14
C TYR A 56 14.88 -9.20 3.15
N ASP A 57 16.21 -9.29 3.20
CA ASP A 57 16.91 -10.57 3.06
C ASP A 57 16.43 -11.63 4.06
N GLN A 58 16.12 -11.25 5.30
CA GLN A 58 15.77 -12.21 6.33
C GLN A 58 14.27 -12.28 6.61
N ALA A 59 13.45 -11.84 5.68
CA ALA A 59 12.01 -11.84 5.89
C ALA A 59 11.49 -13.25 6.17
N THR A 60 10.51 -13.31 7.06
CA THR A 60 9.82 -14.56 7.39
C THR A 60 8.33 -14.34 7.17
N SER A 61 7.85 -14.74 6.01
CA SER A 61 6.42 -14.73 5.77
C SER A 61 5.79 -15.89 6.55
N LEU A 62 4.52 -15.70 6.93
CA LEU A 62 3.83 -16.68 7.75
C LEU A 62 2.60 -17.27 7.06
N ARG A 63 1.73 -16.41 6.55
CA ARG A 63 0.38 -16.82 6.23
C ARG A 63 -0.24 -15.78 5.31
N ILE A 64 -1.31 -16.19 4.65
CA ILE A 64 -2.10 -15.32 3.80
C ILE A 64 -3.55 -15.44 4.23
N LEU A 65 -4.26 -14.32 4.29
CA LEU A 65 -5.58 -14.24 4.87
C LEU A 65 -6.49 -13.39 3.98
N ASN A 66 -7.71 -13.87 3.70
CA ASN A 66 -8.75 -13.05 3.09
C ASN A 66 -9.49 -12.39 4.24
N ASN A 67 -9.36 -11.07 4.39
CA ASN A 67 -10.00 -10.37 5.49
C ASN A 67 -11.31 -9.74 5.11
N GLY A 68 -11.86 -10.05 3.94
CA GLY A 68 -13.11 -9.48 3.51
C GLY A 68 -13.00 -8.13 2.83
N HIS A 69 -11.81 -7.56 2.78
CA HIS A 69 -11.53 -6.32 2.08
C HIS A 69 -10.46 -6.51 1.02
N ALA A 70 -9.41 -7.26 1.35
CA ALA A 70 -8.32 -7.63 0.48
C ALA A 70 -7.78 -8.95 1.00
N PHE A 71 -6.59 -9.35 0.54
CA PHE A 71 -5.85 -10.41 1.18
C PHE A 71 -4.53 -9.85 1.70
N ASN A 72 -4.12 -10.32 2.87
CA ASN A 72 -2.90 -9.89 3.50
C ASN A 72 -1.94 -11.05 3.61
N VAL A 73 -0.67 -10.80 3.27
CA VAL A 73 0.42 -11.70 3.59
C VAL A 73 1.12 -11.15 4.82
N GLU A 74 1.14 -11.93 5.89
CA GLU A 74 1.67 -11.50 7.17
C GLU A 74 3.06 -12.06 7.41
N PHE A 75 3.88 -11.27 8.11
CA PHE A 75 5.26 -11.59 8.41
C PHE A 75 5.52 -11.62 9.91
N ASP A 76 6.53 -12.38 10.29
CA ASP A 76 7.04 -12.34 11.66
C ASP A 76 7.76 -11.01 11.85
N ASP A 77 7.21 -10.17 12.72
CA ASP A 77 7.79 -8.87 13.03
C ASP A 77 8.31 -8.81 14.47
N SER A 78 8.74 -9.95 15.02
CA SER A 78 9.26 -10.01 16.37
C SER A 78 10.73 -9.65 16.48
N GLN A 79 11.40 -9.43 15.35
CA GLN A 79 12.79 -9.00 15.30
C GLN A 79 12.98 -8.18 14.02
N ASP A 80 14.05 -7.38 14.05
N ASP A 80 14.17 -7.61 13.83
CA ASP A 80 14.51 -6.62 12.90
CA ASP A 80 14.43 -6.75 12.67
C ASP A 80 15.02 -7.61 11.88
C ASP A 80 14.81 -7.54 11.40
N LYS A 81 14.08 -8.14 11.11
N LYS A 81 13.86 -8.39 10.94
CA LYS A 81 14.41 -8.95 9.94
CA LYS A 81 14.15 -9.35 9.88
C LYS A 81 14.22 -8.06 8.73
C LYS A 81 13.97 -8.76 8.47
N ALA A 82 12.97 -7.92 8.28
CA ALA A 82 12.68 -7.25 7.02
C ALA A 82 12.34 -5.82 7.39
N VAL A 83 13.21 -4.89 7.01
CA VAL A 83 13.06 -3.52 7.46
C VAL A 83 13.26 -2.53 6.32
N LEU A 84 12.70 -1.35 6.53
CA LEU A 84 12.83 -0.20 5.66
C LEU A 84 13.48 0.91 6.47
N LYS A 85 14.51 1.55 5.89
CA LYS A 85 15.23 2.63 6.52
C LYS A 85 15.58 3.66 5.47
N GLY A 86 16.06 4.83 5.91
CA GLY A 86 16.55 5.82 4.97
C GLY A 86 15.42 6.59 4.31
N GLY A 87 15.76 7.26 3.20
CA GLY A 87 14.81 8.11 2.54
C GLY A 87 14.31 9.18 3.48
N PRO A 88 12.99 9.31 3.61
CA PRO A 88 12.44 10.30 4.54
C PRO A 88 12.38 9.82 5.97
N LEU A 89 12.77 8.57 6.23
CA LEU A 89 12.47 7.93 7.52
C LEU A 89 13.56 8.18 8.53
N ASP A 90 13.14 8.43 9.76
CA ASP A 90 14.03 8.46 10.91
C ASP A 90 13.94 7.09 11.58
N GLY A 91 15.07 6.39 11.67
CA GLY A 91 15.10 5.10 12.33
C GLY A 91 14.64 3.96 11.44
N THR A 92 14.15 2.90 12.10
CA THR A 92 13.94 1.61 11.46
C THR A 92 12.47 1.25 11.51
N TYR A 93 11.94 0.80 10.38
CA TYR A 93 10.56 0.38 10.27
C TYR A 93 10.50 -1.08 9.84
N ARG A 94 9.76 -1.89 10.61
N ARG A 94 9.72 -1.87 10.56
CA ARG A 94 9.67 -3.33 10.40
CA ARG A 94 9.70 -3.31 10.38
C ARG A 94 8.47 -3.69 9.53
C ARG A 94 8.48 -3.74 9.58
N LEU A 95 8.70 -4.56 8.56
CA LEU A 95 7.62 -5.09 7.73
C LEU A 95 6.72 -6.00 8.55
N ILE A 96 5.41 -5.74 8.48
CA ILE A 96 4.41 -6.58 9.14
C ILE A 96 3.50 -7.31 8.15
N GLN A 97 3.13 -6.68 7.03
CA GLN A 97 2.23 -7.33 6.09
C GLN A 97 2.31 -6.60 4.76
N PHE A 98 1.89 -7.29 3.70
CA PHE A 98 1.57 -6.62 2.46
C PHE A 98 0.20 -7.05 1.95
N HIS A 99 -0.39 -6.20 1.12
CA HIS A 99 -1.68 -6.45 0.51
C HIS A 99 -1.74 -5.61 -0.76
N PHE A 100 -2.81 -5.80 -1.52
CA PHE A 100 -3.04 -5.08 -2.76
C PHE A 100 -4.44 -4.44 -2.75
N HIS A 101 -4.59 -3.48 -3.66
CA HIS A 101 -5.87 -2.92 -4.06
C HIS A 101 -5.94 -3.07 -5.57
N TRP A 102 -7.11 -3.41 -6.09
CA TRP A 102 -7.23 -3.65 -7.52
C TRP A 102 -8.65 -3.36 -8.02
N GLY A 103 -8.77 -3.35 -9.34
CA GLY A 103 -9.99 -2.95 -10.00
C GLY A 103 -10.76 -4.12 -10.60
N SER A 104 -11.95 -3.78 -11.10
CA SER A 104 -12.75 -4.71 -11.88
C SER A 104 -12.28 -4.83 -13.32
N LEU A 105 -11.51 -3.85 -13.79
CA LEU A 105 -10.96 -3.78 -15.14
C LEU A 105 -9.58 -3.15 -15.03
N ASP A 106 -8.75 -3.34 -16.07
CA ASP A 106 -7.35 -2.92 -15.97
C ASP A 106 -7.17 -1.40 -15.85
N GLY A 107 -8.17 -0.62 -16.24
CA GLY A 107 -8.07 0.84 -16.22
C GLY A 107 -8.30 1.49 -14.87
N GLN A 108 -8.50 0.71 -13.82
CA GLN A 108 -8.65 1.27 -12.48
C GLN A 108 -8.19 0.23 -11.48
N GLY A 109 -7.96 0.67 -10.25
CA GLY A 109 -7.55 -0.23 -9.20
C GLY A 109 -6.56 0.38 -8.23
N SER A 110 -5.70 1.27 -8.71
CA SER A 110 -4.75 1.89 -7.80
C SER A 110 -5.45 2.93 -6.93
N GLU A 111 -4.82 3.21 -5.79
CA GLU A 111 -5.28 4.21 -4.84
C GLU A 111 -4.60 5.54 -5.14
N HIS A 112 -3.29 5.59 -5.07
CA HIS A 112 -2.59 6.73 -5.64
C HIS A 112 -2.77 6.76 -7.15
N THR A 113 -2.73 7.97 -7.69
CA THR A 113 -2.71 8.20 -9.13
C THR A 113 -1.51 9.08 -9.44
N VAL A 114 -1.10 9.06 -10.71
CA VAL A 114 0.09 9.79 -11.16
C VAL A 114 -0.38 10.68 -12.30
N ASP A 115 -0.43 11.99 -12.06
CA ASP A 115 -1.02 12.92 -13.02
C ASP A 115 -2.40 12.44 -13.45
N LYS A 116 -3.18 11.97 -12.47
CA LYS A 116 -4.55 11.46 -12.58
C LYS A 116 -4.62 10.07 -13.20
N LYS A 117 -3.52 9.50 -13.67
N LYS A 117 -3.52 9.48 -13.61
CA LYS A 117 -3.53 8.15 -14.20
CA LYS A 117 -3.58 8.16 -14.23
C LYS A 117 -3.79 7.13 -13.09
C LYS A 117 -3.71 7.07 -13.17
N LYS A 118 -4.74 6.22 -13.33
CA LYS A 118 -4.99 5.09 -12.46
C LYS A 118 -4.31 3.87 -13.06
N TYR A 119 -3.60 3.13 -12.22
CA TYR A 119 -3.02 1.83 -12.57
C TYR A 119 -4.03 0.71 -12.25
N ALA A 120 -3.70 -0.49 -12.76
CA ALA A 120 -4.58 -1.65 -12.57
C ALA A 120 -4.62 -2.12 -11.12
N ALA A 121 -3.58 -1.86 -10.35
CA ALA A 121 -3.56 -2.29 -8.95
C ALA A 121 -2.42 -1.55 -8.27
N GLU A 122 -2.37 -1.70 -6.94
CA GLU A 122 -1.33 -1.09 -6.13
C GLU A 122 -1.03 -2.02 -4.96
N LEU A 123 0.25 -2.30 -4.77
CA LEU A 123 0.80 -3.11 -3.69
C LEU A 123 1.25 -2.20 -2.58
N HIS A 124 0.88 -2.54 -1.35
CA HIS A 124 1.27 -1.82 -0.15
C HIS A 124 2.02 -2.77 0.79
N LEU A 125 3.28 -2.42 1.07
CA LEU A 125 4.10 -3.11 2.07
C LEU A 125 4.09 -2.22 3.31
N VAL A 126 3.49 -2.73 4.40
CA VAL A 126 3.21 -1.96 5.60
C VAL A 126 4.29 -2.22 6.64
N HIS A 127 4.87 -1.14 7.19
CA HIS A 127 5.94 -1.22 8.17
C HIS A 127 5.61 -0.32 9.35
N TRP A 128 6.06 -0.71 10.54
CA TRP A 128 5.88 0.09 11.74
C TRP A 128 7.21 0.50 12.35
N ASN A 129 7.21 1.69 12.96
CA ASN A 129 8.41 2.31 13.51
C ASN A 129 8.80 1.62 14.80
N THR A 130 9.99 1.02 14.82
CA THR A 130 10.36 0.17 15.95
C THR A 130 10.51 0.95 17.23
N LYS A 131 10.66 2.28 17.17
CA LYS A 131 10.77 3.03 18.41
C LYS A 131 9.51 2.91 19.25
N TYR A 132 8.37 2.52 18.67
CA TYR A 132 7.11 2.41 19.39
C TYR A 132 6.78 0.98 19.81
N GLY A 133 7.66 0.01 19.53
CA GLY A 133 7.55 -1.29 20.17
C GLY A 133 6.61 -2.29 19.52
N ASP A 134 5.41 -1.85 19.12
N ASP A 134 5.49 -1.84 18.98
CA ASP A 134 4.43 -2.70 18.45
CA ASP A 134 4.70 -2.72 18.15
C ASP A 134 3.55 -1.88 17.51
C ASP A 134 3.74 -1.88 17.31
N PHE A 135 2.94 -2.57 16.54
CA PHE A 135 2.09 -1.89 15.56
C PHE A 135 0.98 -1.07 16.24
N GLY A 136 0.36 -1.63 17.27
CA GLY A 136 -0.75 -0.94 17.91
C GLY A 136 -0.36 0.38 18.54
N LYS A 137 0.83 0.43 19.14
N LYS A 137 0.82 0.44 19.16
CA LYS A 137 1.31 1.70 19.69
CA LYS A 137 1.31 1.71 19.68
C LYS A 137 1.81 2.63 18.60
C LYS A 137 1.70 2.63 18.54
N ALA A 138 2.29 2.06 17.48
CA ALA A 138 2.73 2.88 16.36
C ALA A 138 1.57 3.66 15.74
N VAL A 139 0.37 3.09 15.71
CA VAL A 139 -0.76 3.78 15.09
C VAL A 139 -1.40 4.79 16.03
N GLN A 140 -0.73 5.12 17.13
CA GLN A 140 -1.06 6.28 17.94
C GLN A 140 -0.06 7.40 17.74
N GLN A 141 0.81 7.30 16.73
CA GLN A 141 1.90 8.23 16.54
C GLN A 141 1.87 8.82 15.14
N PRO A 142 2.28 10.08 14.99
N PRO A 142 2.24 10.09 14.99
CA PRO A 142 2.25 10.72 13.66
CA PRO A 142 2.24 10.70 13.64
C PRO A 142 3.31 10.21 12.70
C PRO A 142 3.21 10.04 12.68
N ASP A 143 4.31 9.48 13.20
CA ASP A 143 5.32 8.82 12.39
C ASP A 143 5.38 7.34 12.73
N GLY A 144 4.22 6.75 12.98
CA GLY A 144 4.19 5.35 13.38
C GLY A 144 4.40 4.35 12.28
N LEU A 145 3.98 4.65 11.05
CA LEU A 145 3.98 3.69 9.96
C LEU A 145 4.70 4.25 8.75
N ALA A 146 5.23 3.34 7.94
CA ALA A 146 5.73 3.67 6.60
C ALA A 146 5.17 2.63 5.66
N VAL A 147 4.51 3.08 4.61
CA VAL A 147 3.96 2.17 3.62
C VAL A 147 4.68 2.42 2.31
N LEU A 148 5.26 1.35 1.76
CA LEU A 148 5.90 1.34 0.46
C LEU A 148 4.85 0.91 -0.56
N GLY A 149 4.50 1.82 -1.46
CA GLY A 149 3.47 1.59 -2.47
C GLY A 149 4.11 1.39 -3.83
N ILE A 150 3.60 0.40 -4.55
CA ILE A 150 4.13 -0.01 -5.85
C ILE A 150 2.95 -0.20 -6.79
N PHE A 151 2.97 0.49 -7.92
CA PHE A 151 1.92 0.35 -8.91
C PHE A 151 2.10 -0.92 -9.73
N LEU A 152 0.97 -1.50 -10.15
CA LEU A 152 0.93 -2.64 -11.06
C LEU A 152 0.28 -2.21 -12.36
N LYS A 153 0.95 -2.48 -13.47
CA LYS A 153 0.39 -2.33 -14.81
C LYS A 153 0.33 -3.71 -15.44
N VAL A 154 -0.55 -3.87 -16.39
CA VAL A 154 -0.77 -5.15 -17.04
C VAL A 154 0.09 -5.24 -18.30
N GLY A 155 0.93 -6.26 -18.34
CA GLY A 155 1.77 -6.54 -19.49
C GLY A 155 2.39 -7.91 -19.30
N SER A 156 3.71 -7.97 -19.17
N SER A 156 3.71 -7.98 -19.19
CA SER A 156 4.38 -9.23 -18.90
CA SER A 156 4.36 -9.26 -18.93
C SER A 156 4.10 -9.70 -17.48
C SER A 156 4.13 -9.71 -17.49
N ALA A 157 4.16 -11.03 -17.30
CA ALA A 157 3.96 -11.61 -15.98
C ALA A 157 5.11 -11.25 -15.02
N LYS A 158 4.76 -11.15 -13.73
CA LYS A 158 5.72 -10.95 -12.67
C LYS A 158 6.00 -12.29 -12.02
N PRO A 159 7.17 -12.89 -12.23
CA PRO A 159 7.36 -14.25 -11.71
C PRO A 159 7.23 -14.32 -10.19
N GLY A 160 7.69 -13.28 -9.49
CA GLY A 160 7.66 -13.28 -8.05
C GLY A 160 6.28 -13.08 -7.44
N LEU A 161 5.28 -12.78 -8.27
CA LEU A 161 3.90 -12.70 -7.83
C LEU A 161 3.18 -14.05 -7.94
N GLN A 162 3.72 -14.98 -8.73
CA GLN A 162 2.91 -16.15 -9.07
C GLN A 162 2.57 -17.02 -7.86
N LYS A 163 3.48 -17.13 -6.89
N LYS A 163 3.48 -17.12 -6.89
CA LYS A 163 3.17 -17.92 -5.71
CA LYS A 163 3.18 -17.92 -5.70
C LYS A 163 1.95 -17.36 -4.99
C LYS A 163 1.96 -17.36 -4.98
N VAL A 164 1.82 -16.03 -4.97
CA VAL A 164 0.63 -15.40 -4.37
C VAL A 164 -0.61 -15.78 -5.16
N VAL A 165 -0.58 -15.58 -6.48
CA VAL A 165 -1.71 -15.89 -7.34
C VAL A 165 -2.20 -17.31 -7.13
N ASP A 166 -1.27 -18.24 -7.04
CA ASP A 166 -1.65 -19.64 -7.01
C ASP A 166 -2.26 -20.10 -5.70
N VAL A 167 -2.09 -19.34 -4.62
CA VAL A 167 -2.69 -19.74 -3.33
C VAL A 167 -4.08 -19.13 -3.17
N LEU A 168 -4.49 -18.22 -4.04
CA LEU A 168 -5.74 -17.48 -3.79
C LEU A 168 -6.96 -18.40 -3.81
N ASP A 169 -6.92 -19.49 -4.59
CA ASP A 169 -8.04 -20.43 -4.61
C ASP A 169 -8.32 -21.03 -3.25
N SER A 170 -7.34 -21.04 -2.35
CA SER A 170 -7.50 -21.60 -1.02
C SER A 170 -7.97 -20.60 0.02
N ILE A 171 -8.05 -19.31 -0.34
CA ILE A 171 -8.58 -18.29 0.56
C ILE A 171 -9.66 -17.48 -0.16
N LYS A 172 -10.57 -18.18 -0.84
CA LYS A 172 -11.49 -17.46 -1.71
C LYS A 172 -12.42 -16.52 -0.96
N THR A 173 -12.80 -16.89 0.26
CA THR A 173 -13.82 -16.18 1.01
C THR A 173 -13.29 -15.60 2.31
N LYS A 174 -14.00 -14.58 2.79
CA LYS A 174 -13.65 -13.86 4.00
C LYS A 174 -13.45 -14.82 5.15
N GLY A 175 -12.34 -14.64 5.86
CA GLY A 175 -12.04 -15.43 7.04
C GLY A 175 -11.16 -16.62 6.77
N LYS A 176 -10.91 -16.97 5.52
CA LYS A 176 -10.04 -18.08 5.20
C LYS A 176 -8.58 -17.64 5.22
N SER A 177 -7.72 -18.50 5.79
CA SER A 177 -6.29 -18.29 5.81
C SER A 177 -5.58 -19.55 5.34
N ALA A 178 -4.33 -19.40 4.92
CA ALA A 178 -3.50 -20.51 4.50
C ALA A 178 -2.04 -20.24 4.86
N ASP A 179 -1.28 -21.30 5.07
CA ASP A 179 0.15 -21.17 5.25
C ASP A 179 0.75 -20.43 4.06
N PHE A 180 1.71 -19.56 4.35
CA PHE A 180 2.40 -18.85 3.28
C PHE A 180 3.83 -18.56 3.68
N THR A 181 4.52 -19.59 4.14
CA THR A 181 5.91 -19.50 4.53
C THR A 181 6.83 -19.45 3.31
N ASN A 182 8.03 -18.94 3.55
CA ASN A 182 9.11 -18.94 2.56
C ASN A 182 8.75 -18.17 1.29
N PHE A 183 8.05 -17.05 1.45
CA PHE A 183 7.79 -16.14 0.34
C PHE A 183 8.73 -14.95 0.47
N ASP A 184 9.42 -14.61 -0.62
CA ASP A 184 10.39 -13.53 -0.61
C ASP A 184 9.76 -12.28 -1.21
N PRO A 185 9.48 -11.24 -0.42
CA PRO A 185 8.82 -10.05 -1.00
C PRO A 185 9.73 -9.26 -1.94
N ARG A 186 11.03 -9.55 -1.97
CA ARG A 186 11.90 -8.87 -2.93
C ARG A 186 11.48 -9.14 -4.37
N GLY A 187 10.78 -10.26 -4.61
CA GLY A 187 10.33 -10.57 -5.95
C GLY A 187 9.18 -9.73 -6.44
N LEU A 188 8.67 -8.82 -5.60
CA LEU A 188 7.58 -7.93 -5.98
C LEU A 188 8.05 -6.53 -6.33
N LEU A 189 9.35 -6.24 -6.21
CA LEU A 189 9.84 -4.89 -6.42
C LEU A 189 10.16 -4.64 -7.89
N PRO A 190 10.09 -3.38 -8.33
CA PRO A 190 10.63 -3.01 -9.65
C PRO A 190 12.14 -2.87 -9.57
N GLU A 191 12.74 -2.51 -10.71
N GLU A 191 12.76 -2.52 -10.71
CA GLU A 191 14.19 -2.34 -10.79
CA GLU A 191 14.19 -2.34 -10.76
C GLU A 191 14.65 -1.10 -10.03
C GLU A 191 14.63 -1.11 -9.97
N SER A 192 13.97 0.02 -10.23
CA SER A 192 14.36 1.29 -9.65
C SER A 192 13.65 1.52 -8.34
N LEU A 193 14.36 2.17 -7.40
CA LEU A 193 13.76 2.63 -6.16
C LEU A 193 13.51 4.14 -6.14
N ASP A 194 13.47 4.79 -7.30
CA ASP A 194 13.04 6.19 -7.33
C ASP A 194 11.63 6.28 -6.74
N TYR A 195 11.36 7.32 -5.96
CA TYR A 195 10.08 7.39 -5.26
C TYR A 195 9.64 8.83 -5.03
N TRP A 196 8.35 8.95 -4.73
CA TRP A 196 7.73 10.14 -4.17
C TRP A 196 7.34 9.85 -2.72
N THR A 197 7.34 10.88 -1.88
CA THR A 197 6.98 10.70 -0.49
C THR A 197 6.17 11.87 0.03
N TYR A 198 5.25 11.57 0.93
CA TYR A 198 4.42 12.59 1.56
C TYR A 198 3.81 12.00 2.83
N PRO A 199 3.37 12.85 3.76
CA PRO A 199 2.71 12.37 4.99
C PRO A 199 1.22 12.14 4.74
N GLY A 200 0.73 10.99 5.15
CA GLY A 200 -0.67 10.65 4.95
C GLY A 200 -1.22 9.71 5.99
N SER A 201 -2.12 8.85 5.54
CA SER A 201 -2.96 8.07 6.43
C SER A 201 -3.07 6.64 5.91
N LEU A 202 -3.64 5.79 6.77
CA LEU A 202 -4.22 4.54 6.26
C LEU A 202 -5.27 4.88 5.21
N THR A 203 -5.36 4.06 4.16
CA THR A 203 -6.39 4.27 3.14
C THR A 203 -7.66 3.46 3.43
N THR A 204 -7.67 2.69 4.50
CA THR A 204 -8.82 1.94 4.98
C THR A 204 -9.18 2.43 6.36
N PRO A 205 -10.46 2.37 6.74
CA PRO A 205 -10.81 2.55 8.14
C PRO A 205 -9.88 1.72 9.01
N PRO A 206 -9.37 2.29 10.12
CA PRO A 206 -9.76 3.56 10.74
C PRO A 206 -9.13 4.86 10.21
N LEU A 207 -8.41 4.80 9.07
CA LEU A 207 -8.00 6.02 8.35
C LEU A 207 -7.03 6.88 9.17
N LEU A 208 -6.28 6.24 10.06
CA LEU A 208 -5.45 6.95 11.02
C LEU A 208 -4.28 7.63 10.32
N GLU A 209 -3.97 8.84 10.77
CA GLU A 209 -3.00 9.71 10.10
C GLU A 209 -1.60 9.49 10.67
N CYS A 210 -1.04 8.32 10.34
N CYS A 210 -1.06 8.31 10.40
CA CYS A 210 0.19 7.83 10.95
CA CYS A 210 0.22 7.91 10.98
C CYS A 210 1.27 7.51 9.96
C CYS A 210 1.21 7.37 9.95
N VAL A 211 1.01 7.67 8.66
CA VAL A 211 1.80 7.05 7.61
C VAL A 211 2.73 8.02 6.91
N THR A 212 4.00 7.64 6.79
CA THR A 212 4.88 8.21 5.78
C THR A 212 4.76 7.34 4.54
N TRP A 213 4.19 7.90 3.48
CA TRP A 213 4.01 7.18 2.22
C TRP A 213 5.27 7.30 1.38
N ILE A 214 5.70 6.18 0.82
CA ILE A 214 6.83 6.11 -0.10
C ILE A 214 6.30 5.34 -1.31
N VAL A 215 6.06 6.06 -2.40
CA VAL A 215 5.41 5.50 -3.58
C VAL A 215 6.45 5.42 -4.69
N LEU A 216 6.76 4.20 -5.14
CA LEU A 216 7.76 4.03 -6.18
C LEU A 216 7.25 4.54 -7.52
N LYS A 217 8.15 5.20 -8.27
CA LYS A 217 7.79 5.73 -9.57
C LYS A 217 7.62 4.63 -10.62
N GLU A 218 8.44 3.58 -10.57
N GLU A 218 8.45 3.59 -10.58
CA GLU A 218 8.41 2.53 -11.58
CA GLU A 218 8.41 2.58 -11.62
C GLU A 218 7.34 1.51 -11.24
C GLU A 218 7.38 1.51 -11.27
N PRO A 219 6.34 1.30 -12.09
N PRO A 219 6.33 1.33 -12.06
CA PRO A 219 5.39 0.22 -11.82
CA PRO A 219 5.40 0.23 -11.81
C PRO A 219 6.03 -1.13 -12.09
C PRO A 219 6.07 -1.12 -12.06
N ILE A 220 5.50 -2.16 -11.46
CA ILE A 220 5.82 -3.53 -11.86
C ILE A 220 4.81 -3.94 -12.91
N SER A 221 5.23 -4.81 -13.81
CA SER A 221 4.35 -5.41 -14.79
C SER A 221 3.89 -6.76 -14.27
N VAL A 222 2.58 -7.00 -14.36
CA VAL A 222 1.97 -8.29 -14.05
C VAL A 222 1.13 -8.67 -15.26
N SER A 223 0.85 -9.96 -15.40
CA SER A 223 0.06 -10.36 -16.57
C SER A 223 -1.43 -10.21 -16.29
N SER A 224 -2.19 -10.13 -17.38
N SER A 224 -2.19 -10.13 -17.38
CA SER A 224 -3.64 -10.09 -17.25
CA SER A 224 -3.64 -10.09 -17.24
C SER A 224 -4.16 -11.29 -16.48
C SER A 224 -4.13 -11.28 -16.44
N GLU A 225 -3.55 -12.46 -16.70
CA GLU A 225 -3.98 -13.66 -16.00
C GLU A 225 -3.75 -13.55 -14.49
N GLN A 226 -2.64 -12.91 -14.10
CA GLN A 226 -2.37 -12.74 -12.67
C GLN A 226 -3.41 -11.85 -12.00
N VAL A 227 -3.71 -10.70 -12.60
CA VAL A 227 -4.69 -9.81 -11.99
C VAL A 227 -6.10 -10.40 -12.07
N LEU A 228 -6.41 -11.15 -13.12
CA LEU A 228 -7.72 -11.79 -13.21
C LEU A 228 -7.95 -12.73 -12.04
N LYS A 229 -6.90 -13.36 -11.53
CA LYS A 229 -7.07 -14.25 -10.39
C LYS A 229 -7.34 -13.47 -9.11
N PHE A 230 -6.78 -12.26 -8.95
CA PHE A 230 -7.19 -11.42 -7.84
C PHE A 230 -8.70 -11.21 -7.85
N ARG A 231 -9.26 -11.02 -9.03
CA ARG A 231 -10.66 -10.66 -9.21
C ARG A 231 -11.61 -11.83 -9.00
N LYS A 232 -11.09 -13.03 -8.77
CA LYS A 232 -11.93 -14.18 -8.46
C LYS A 232 -12.15 -14.36 -6.96
N LEU A 233 -11.49 -13.57 -6.13
CA LEU A 233 -11.74 -13.59 -4.71
C LEU A 233 -13.14 -13.05 -4.41
N ASN A 234 -13.61 -13.35 -3.21
N ASN A 234 -13.59 -13.29 -3.17
CA ASN A 234 -14.91 -12.90 -2.74
CA ASN A 234 -14.94 -12.98 -2.71
C ASN A 234 -14.75 -12.01 -1.53
C ASN A 234 -14.84 -12.09 -1.46
N PHE A 235 -15.57 -10.97 -1.47
CA PHE A 235 -15.67 -10.14 -0.27
C PHE A 235 -16.36 -10.88 0.87
N ASN A 236 -17.30 -11.77 0.53
N ASN A 236 -17.32 -11.73 0.58
CA ASN A 236 -18.19 -12.44 1.45
CA ASN A 236 -18.12 -12.31 1.64
C ASN A 236 -17.52 -13.68 2.04
C ASN A 236 -17.62 -13.70 2.00
N GLY A 237 -18.14 -14.20 3.11
CA GLY A 237 -17.72 -15.46 3.65
C GLY A 237 -18.40 -16.63 2.97
N GLU A 238 -17.86 -17.81 3.25
CA GLU A 238 -18.46 -19.05 2.80
C GLU A 238 -19.90 -19.14 3.27
N GLY A 239 -20.77 -19.63 2.39
CA GLY A 239 -22.17 -19.77 2.73
C GLY A 239 -22.98 -18.50 2.68
N GLU A 240 -22.40 -17.40 2.22
CA GLU A 240 -23.06 -16.11 2.08
C GLU A 240 -23.17 -15.74 0.61
N PRO A 241 -24.04 -14.80 0.26
CA PRO A 241 -24.14 -14.39 -1.15
C PRO A 241 -22.81 -13.90 -1.70
N GLU A 242 -22.45 -14.40 -2.88
CA GLU A 242 -21.15 -14.15 -3.48
C GLU A 242 -21.08 -12.74 -4.06
N GLU A 243 -20.04 -12.01 -3.68
CA GLU A 243 -19.75 -10.72 -4.31
C GLU A 243 -18.26 -10.65 -4.59
N LEU A 244 -17.91 -10.49 -5.87
CA LEU A 244 -16.51 -10.49 -6.25
C LEU A 244 -15.75 -9.36 -5.57
N MET A 245 -14.57 -9.70 -5.07
CA MET A 245 -13.63 -8.75 -4.49
C MET A 245 -12.90 -8.03 -5.61
N VAL A 246 -13.48 -6.89 -5.99
CA VAL A 246 -12.95 -6.00 -7.02
C VAL A 246 -13.22 -4.57 -6.57
N ASP A 247 -12.42 -3.64 -7.10
CA ASP A 247 -12.59 -2.22 -6.83
C ASP A 247 -12.49 -1.91 -5.34
N ASN A 248 -11.53 -2.55 -4.69
CA ASN A 248 -11.24 -2.34 -3.27
C ASN A 248 -10.19 -1.25 -3.06
N TRP A 249 -10.42 -0.09 -3.70
CA TRP A 249 -9.56 1.07 -3.64
C TRP A 249 -10.35 2.30 -3.21
N ARG A 250 -9.70 3.13 -2.42
CA ARG A 250 -10.20 4.45 -2.06
C ARG A 250 -9.71 5.46 -3.10
N PRO A 251 -10.56 6.37 -3.55
N PRO A 251 -10.57 6.36 -3.56
CA PRO A 251 -10.09 7.38 -4.51
CA PRO A 251 -10.12 7.39 -4.50
C PRO A 251 -9.22 8.43 -3.83
C PRO A 251 -9.21 8.42 -3.83
N ALA A 252 -8.55 9.21 -4.68
CA ALA A 252 -7.67 10.26 -4.21
C ALA A 252 -8.42 11.28 -3.36
N GLN A 253 -7.77 11.74 -2.30
CA GLN A 253 -8.28 12.67 -1.32
C GLN A 253 -7.57 14.00 -1.41
N PRO A 254 -8.14 15.05 -0.83
CA PRO A 254 -7.55 16.39 -0.97
C PRO A 254 -6.14 16.47 -0.39
N LEU A 255 -5.25 17.10 -1.15
CA LEU A 255 -3.85 17.23 -0.71
C LEU A 255 -3.72 18.18 0.47
N LYS A 256 -4.57 19.21 0.52
N LYS A 256 -4.59 19.18 0.55
CA LYS A 256 -4.52 20.21 1.59
CA LYS A 256 -4.62 20.12 1.67
C LYS A 256 -3.12 20.78 1.72
C LYS A 256 -3.22 20.68 1.97
N ASN A 257 -2.67 21.02 2.95
N ASN A 257 -2.59 21.20 0.92
CA ASN A 257 -1.39 21.69 3.20
CA ASN A 257 -1.34 21.96 1.01
C ASN A 257 -0.25 20.67 3.26
C ASN A 257 -0.16 21.14 1.51
N ARG A 258 -0.03 20.00 2.11
N ARG A 258 -0.28 19.81 1.55
CA ARG A 258 1.05 19.04 1.96
CA ARG A 258 0.89 18.99 1.75
C ARG A 258 1.82 19.29 0.67
C ARG A 258 1.76 19.04 0.51
N GLN A 259 3.05 18.78 0.68
CA GLN A 259 3.95 18.77 -0.44
C GLN A 259 4.41 17.34 -0.66
N ILE A 260 4.49 16.95 -1.92
CA ILE A 260 5.06 15.67 -2.32
C ILE A 260 6.50 15.91 -2.75
N LYS A 261 7.41 15.15 -2.18
CA LYS A 261 8.82 15.26 -2.50
C LYS A 261 9.25 14.08 -3.36
N ALA A 262 10.18 14.33 -4.27
CA ALA A 262 10.74 13.31 -5.13
C ALA A 262 12.17 13.00 -4.72
N SER A 263 12.53 11.72 -4.84
CA SER A 263 13.87 11.28 -4.50
C SER A 263 14.85 11.47 -5.65
N PHE A 264 14.36 11.89 -6.81
CA PHE A 264 15.11 11.86 -8.06
C PHE A 264 14.96 13.22 -8.73
N LYS A 265 16.02 13.65 -9.42
CA LYS A 265 16.10 15.01 -9.92
C LYS A 265 15.43 15.12 -11.28
ZN ZN B . -3.41 -0.59 1.19
HG HG C . -1.63 7.64 13.95
C1 BE7 D . -1.01 14.70 16.64
C2 BE7 D . -1.08 13.35 16.03
C3 BE7 D . -1.19 13.21 14.65
C4 BE7 D . -1.25 11.94 14.09
C5 BE7 D . -1.21 10.87 14.93
C6 BE7 D . -1.11 10.97 16.30
O9 BE7 D . -0.98 15.69 15.88
O8 BE7 D . -0.97 14.80 17.88
C7 BE7 D . -1.04 12.23 16.86
HG BE7 D . -1.32 8.84 13.99
C4 L7T E . -2.65 -0.84 7.39
C5 L7T E . -2.38 -0.07 6.28
N L7T E . -3.83 0.64 2.60
C L7T E . -3.22 -0.11 5.17
O L7T E . -2.92 2.27 4.23
C1 L7T E . -4.32 -0.95 5.20
C2 L7T E . -4.60 -1.69 6.32
C3 L7T E . -3.76 -1.63 7.42
F L7T E . -5.15 -1.09 4.14
F1 L7T E . -5.70 -2.48 6.35
F2 L7T E . -4.03 -2.33 8.53
F3 L7T E . -1.78 -0.81 8.42
F4 L7T E . -1.26 0.68 6.28
O1 L7T E . -1.50 0.44 3.39
S L7T E . -2.82 0.93 3.77
N SXG F . -19.49 4.35 7.89
C SXG F . -20.94 2.06 7.58
O SXG F . -18.49 2.16 8.35
C1 SXG F . -21.94 2.31 6.66
C10 SXG F . -22.50 0.62 8.73
C11 SXG F . -21.26 1.20 8.65
C2 SXG F . -23.17 1.71 6.76
C3 SXG F . -23.48 0.85 7.79
C4 SXG F . -25.37 -1.68 6.16
C5 SXG F . -24.35 -1.58 5.22
C6 SXG F . -24.54 -1.95 3.91
C7 SXG F . -25.77 -2.42 3.51
C8 SXG F . -26.80 -2.52 4.41
C9 SXG F . -26.59 -2.14 5.72
F SXG F . -21.75 3.20 5.67
F1 SXG F . -24.11 2.00 5.83
F2 SXG F . -23.13 -1.13 5.58
F3 SXG F . -23.54 -1.83 3.02
F4 SXG F . -25.95 -2.81 2.24
F5 SXG F . -28.01 -2.95 4.01
F6 SXG F . -27.64 -2.26 6.57
F7 SXG F . -22.76 -0.16 9.79
F8 SXG F . -20.40 0.97 9.65
N1 SXG F . -24.78 0.31 7.89
O1 SXG F . -19.01 2.84 6.02
O2 SXG F . -26.22 -1.53 8.60
O3 SXG F . -23.83 -2.00 8.22
S SXG F . -19.35 2.83 7.42
S1 SXG F . -25.02 -1.28 7.85
C2 BGC G . 9.64 23.99 0.21
C3 BGC G . 11.15 24.13 0.30
C4 BGC G . 11.57 25.58 0.03
C5 BGC G . 10.81 26.51 0.99
C6 BGC G . 11.11 27.98 0.81
C1 BGC G . 8.95 25.02 1.11
O1 BGC G . 7.57 24.95 0.96
O2 BGC G . 9.28 22.68 0.63
O3 BGC G . 11.81 23.23 -0.59
O4 BGC G . 12.97 25.71 0.24
O5 BGC G . 9.40 26.34 0.79
O6 BGC G . 10.47 28.78 1.81
#